data_2KWY
#
_entry.id   2KWY
#
_entity_poly.entity_id   1
_entity_poly.type   'polypeptide(L)'
_entity_poly.pdbx_seq_one_letter_code
;MDNAGGVGELEKKAEAGVQGELAEIKKIAEKKKDDVVKILIET
;
_entity_poly.pdbx_strand_id   A
#
# COMPACT_ATOMS: atom_id res chain seq x y z
N MET A 1 -21.11 -5.36 15.85
CA MET A 1 -19.77 -4.80 15.89
C MET A 1 -19.50 -4.12 17.24
N ASP A 2 -19.01 -4.91 18.18
CA ASP A 2 -18.71 -4.40 19.53
C ASP A 2 -17.21 -4.20 19.70
N ASN A 3 -16.42 -4.97 18.96
CA ASN A 3 -14.98 -4.87 19.03
C ASN A 3 -14.49 -3.48 18.64
N ALA A 4 -14.04 -2.71 19.62
CA ALA A 4 -13.55 -1.36 19.37
C ALA A 4 -13.06 -0.71 20.66
N GLY A 5 -11.97 0.05 20.55
CA GLY A 5 -11.41 0.71 21.72
C GLY A 5 -10.17 1.53 21.38
N GLY A 6 -9.65 2.23 22.38
CA GLY A 6 -8.46 3.04 22.16
C GLY A 6 -7.33 2.27 21.51
N VAL A 7 -7.06 1.08 22.03
CA VAL A 7 -5.99 0.23 21.49
C VAL A 7 -6.38 -0.35 20.13
N GLY A 8 -7.48 -1.11 20.12
CA GLY A 8 -7.93 -1.71 18.88
C GLY A 8 -8.06 -0.71 17.75
N GLU A 9 -8.41 0.52 18.10
CA GLU A 9 -8.56 1.58 17.11
C GLU A 9 -7.20 2.08 16.63
N LEU A 10 -6.36 2.49 17.58
CA LEU A 10 -5.02 2.99 17.26
C LEU A 10 -4.23 1.95 16.47
N GLU A 11 -4.38 0.69 16.86
CA GLU A 11 -3.66 -0.39 16.19
C GLU A 11 -4.25 -0.64 14.79
N LYS A 12 -5.55 -0.88 14.74
CA LYS A 12 -6.24 -1.13 13.47
C LYS A 12 -5.96 0.00 12.48
N LYS A 13 -6.12 1.23 12.94
CA LYS A 13 -5.89 2.40 12.09
C LYS A 13 -4.43 2.50 11.68
N ALA A 14 -3.54 2.32 12.66
CA ALA A 14 -2.10 2.39 12.40
C ALA A 14 -1.71 1.48 11.24
N GLU A 15 -1.98 0.17 11.39
CA GLU A 15 -1.65 -0.80 10.37
C GLU A 15 -2.45 -0.53 9.09
N ALA A 16 -3.68 -0.06 9.26
CA ALA A 16 -4.55 0.23 8.12
C ALA A 16 -3.91 1.27 7.20
N GLY A 17 -3.48 2.38 7.77
CA GLY A 17 -2.86 3.43 6.99
C GLY A 17 -1.49 3.04 6.48
N VAL A 18 -0.66 2.52 7.37
CA VAL A 18 0.69 2.09 7.00
C VAL A 18 0.66 1.06 5.87
N GLN A 19 -0.20 0.06 6.02
CA GLN A 19 -0.32 -0.99 5.02
C GLN A 19 -0.89 -0.44 3.71
N GLY A 20 -2.04 0.23 3.82
CA GLY A 20 -2.68 0.80 2.64
C GLY A 20 -1.75 1.74 1.88
N GLU A 21 -1.10 2.63 2.61
CA GLU A 21 -0.18 3.59 2.00
C GLU A 21 1.00 2.87 1.34
N LEU A 22 1.73 2.09 2.12
CA LEU A 22 2.87 1.34 1.62
C LEU A 22 2.49 0.51 0.40
N ALA A 23 1.38 -0.21 0.50
CA ALA A 23 0.90 -1.04 -0.59
C ALA A 23 0.69 -0.22 -1.85
N GLU A 24 -0.07 0.87 -1.74
CA GLU A 24 -0.35 1.74 -2.88
C GLU A 24 0.95 2.21 -3.52
N ILE A 25 1.82 2.79 -2.71
CA ILE A 25 3.11 3.29 -3.20
C ILE A 25 3.85 2.23 -3.99
N LYS A 26 3.90 1.01 -3.43
CA LYS A 26 4.57 -0.10 -4.09
C LYS A 26 3.81 -0.55 -5.34
N LYS A 27 2.51 -0.30 -5.35
CA LYS A 27 1.67 -0.67 -6.48
C LYS A 27 1.99 0.19 -7.70
N ILE A 28 1.91 1.50 -7.53
CA ILE A 28 2.20 2.43 -8.62
C ILE A 28 3.69 2.43 -8.96
N ALA A 29 4.53 2.26 -7.95
CA ALA A 29 5.98 2.23 -8.14
C ALA A 29 6.40 1.01 -8.96
N GLU A 30 5.89 -0.16 -8.58
CA GLU A 30 6.21 -1.39 -9.28
C GLU A 30 5.51 -1.45 -10.63
N LYS A 31 4.32 -0.87 -10.70
CA LYS A 31 3.53 -0.86 -11.93
C LYS A 31 4.25 -0.05 -13.02
N LYS A 32 4.54 1.21 -12.70
CA LYS A 32 5.21 2.08 -13.65
C LYS A 32 6.62 1.57 -13.96
N LYS A 33 7.33 1.17 -12.91
CA LYS A 33 8.70 0.66 -13.07
C LYS A 33 8.71 -0.60 -13.93
N ASP A 34 7.65 -1.41 -13.82
CA ASP A 34 7.54 -2.64 -14.60
C ASP A 34 7.28 -2.33 -16.07
N ASP A 35 6.31 -1.46 -16.32
CA ASP A 35 5.95 -1.08 -17.68
C ASP A 35 7.15 -0.44 -18.39
N VAL A 36 7.91 0.37 -17.66
CA VAL A 36 9.07 1.04 -18.23
C VAL A 36 10.19 0.04 -18.53
N VAL A 37 10.60 -0.71 -17.51
CA VAL A 37 11.66 -1.70 -17.67
C VAL A 37 11.28 -2.74 -18.72
N LYS A 38 10.00 -3.09 -18.75
CA LYS A 38 9.50 -4.08 -19.71
C LYS A 38 9.60 -3.55 -21.14
N ILE A 39 8.93 -2.43 -21.39
CA ILE A 39 8.94 -1.81 -22.71
C ILE A 39 10.36 -1.44 -23.14
N LEU A 40 11.18 -1.07 -22.17
CA LEU A 40 12.56 -0.70 -22.44
C LEU A 40 13.36 -1.89 -22.94
N ILE A 41 13.46 -2.92 -22.11
CA ILE A 41 14.20 -4.13 -22.46
C ILE A 41 13.57 -4.81 -23.66
N GLU A 42 12.28 -5.14 -23.56
CA GLU A 42 11.57 -5.80 -24.64
C GLU A 42 11.66 -4.99 -25.93
N THR A 43 11.53 -3.67 -25.80
CA THR A 43 11.59 -2.77 -26.95
C THR A 43 12.52 -1.59 -26.68
N MET A 1 -15.28 -6.29 14.08
CA MET A 1 -15.30 -5.34 15.18
C MET A 1 -14.23 -4.26 14.97
N ASP A 2 -14.67 -3.01 14.99
CA ASP A 2 -13.76 -1.88 14.79
C ASP A 2 -13.62 -1.08 16.08
N ASN A 3 -14.75 -0.63 16.62
CA ASN A 3 -14.76 0.15 17.85
C ASN A 3 -14.73 -0.75 19.08
N ALA A 4 -13.65 -1.53 19.20
CA ALA A 4 -13.49 -2.44 20.33
C ALA A 4 -12.98 -1.70 21.56
N GLY A 5 -12.01 -0.82 21.36
CA GLY A 5 -11.44 -0.07 22.46
C GLY A 5 -10.35 0.88 22.03
N GLY A 6 -9.83 1.66 22.97
CA GLY A 6 -8.77 2.60 22.65
C GLY A 6 -7.61 1.94 21.93
N VAL A 7 -7.16 0.80 22.45
CA VAL A 7 -6.05 0.08 21.85
C VAL A 7 -6.47 -0.59 20.54
N GLY A 8 -7.46 -1.47 20.63
CA GLY A 8 -7.93 -2.16 19.44
C GLY A 8 -8.25 -1.22 18.30
N GLU A 9 -8.70 -0.01 18.65
CA GLU A 9 -9.05 1.00 17.65
C GLU A 9 -7.79 1.63 17.06
N LEU A 10 -6.94 2.16 17.93
CA LEU A 10 -5.70 2.80 17.51
C LEU A 10 -4.84 1.84 16.70
N GLU A 11 -4.84 0.57 17.11
CA GLU A 11 -4.07 -0.44 16.42
C GLU A 11 -4.71 -0.82 15.07
N LYS A 12 -5.99 -1.18 15.12
CA LYS A 12 -6.72 -1.55 13.92
C LYS A 12 -6.65 -0.43 12.88
N LYS A 13 -6.85 0.80 13.33
CA LYS A 13 -6.82 1.96 12.45
C LYS A 13 -5.41 2.20 11.91
N ALA A 14 -4.45 2.29 12.82
CA ALA A 14 -3.06 2.52 12.45
C ALA A 14 -2.58 1.47 11.45
N GLU A 15 -2.88 0.21 11.73
CA GLU A 15 -2.47 -0.89 10.87
C GLU A 15 -3.25 -0.85 9.55
N ALA A 16 -4.52 -0.45 9.64
CA ALA A 16 -5.38 -0.37 8.46
C ALA A 16 -4.89 0.71 7.50
N GLY A 17 -4.52 1.86 8.07
CA GLY A 17 -4.03 2.96 7.25
C GLY A 17 -2.66 2.70 6.67
N VAL A 18 -1.73 2.28 7.52
CA VAL A 18 -0.36 2.00 7.09
C VAL A 18 -0.34 0.89 6.04
N GLN A 19 -1.08 -0.18 6.32
CA GLN A 19 -1.14 -1.31 5.40
C GLN A 19 -1.85 -0.93 4.11
N GLY A 20 -3.03 -0.33 4.24
CA GLY A 20 -3.79 0.08 3.08
C GLY A 20 -3.03 1.05 2.20
N GLU A 21 -2.41 2.05 2.82
CA GLU A 21 -1.65 3.05 2.09
C GLU A 21 -0.44 2.42 1.39
N LEU A 22 0.36 1.70 2.16
CA LEU A 22 1.55 1.04 1.62
C LEU A 22 1.19 0.15 0.43
N ALA A 23 0.14 -0.64 0.59
CA ALA A 23 -0.32 -1.54 -0.46
C ALA A 23 -0.72 -0.75 -1.71
N GLU A 24 -1.56 0.27 -1.52
CA GLU A 24 -2.02 1.08 -2.63
C GLU A 24 -0.85 1.65 -3.42
N ILE A 25 0.08 2.28 -2.72
CA ILE A 25 1.26 2.87 -3.35
C ILE A 25 2.06 1.80 -4.09
N LYS A 26 2.22 0.64 -3.47
CA LYS A 26 2.96 -0.47 -4.07
C LYS A 26 2.29 -0.95 -5.35
N LYS A 27 0.96 -1.03 -5.32
CA LYS A 27 0.20 -1.46 -6.48
C LYS A 27 0.37 -0.49 -7.64
N ILE A 28 0.16 0.79 -7.38
CA ILE A 28 0.29 1.82 -8.41
C ILE A 28 1.75 1.95 -8.86
N ALA A 29 2.67 1.70 -7.94
CA ALA A 29 4.09 1.79 -8.25
C ALA A 29 4.50 0.71 -9.25
N GLU A 30 4.12 -0.53 -8.97
CA GLU A 30 4.45 -1.65 -9.84
C GLU A 30 3.61 -1.61 -11.12
N LYS A 31 2.39 -1.11 -11.00
CA LYS A 31 1.49 -1.02 -12.14
C LYS A 31 2.03 -0.04 -13.18
N LYS A 32 2.27 1.19 -12.76
CA LYS A 32 2.80 2.23 -13.64
C LYS A 32 4.18 1.86 -14.14
N LYS A 33 5.03 1.39 -13.22
CA LYS A 33 6.40 1.01 -13.57
C LYS A 33 6.40 -0.14 -14.58
N ASP A 34 5.42 -1.02 -14.47
CA ASP A 34 5.31 -2.16 -15.37
C ASP A 34 4.88 -1.72 -16.76
N ASP A 35 3.83 -0.89 -16.82
CA ASP A 35 3.32 -0.39 -18.09
C ASP A 35 4.39 0.40 -18.82
N VAL A 36 5.16 1.20 -18.08
CA VAL A 36 6.22 2.01 -18.66
C VAL A 36 7.35 1.13 -19.18
N VAL A 37 7.93 0.33 -18.29
CA VAL A 37 9.03 -0.55 -18.67
C VAL A 37 8.61 -1.51 -19.79
N LYS A 38 7.34 -1.89 -19.79
CA LYS A 38 6.81 -2.80 -20.80
C LYS A 38 6.76 -2.11 -22.16
N ILE A 39 6.06 -0.99 -22.23
CA ILE A 39 5.93 -0.24 -23.48
C ILE A 39 7.29 0.20 -23.98
N LEU A 40 8.20 0.49 -23.06
CA LEU A 40 9.55 0.93 -23.41
C LEU A 40 10.34 -0.20 -24.08
N ILE A 41 10.48 -1.31 -23.35
CA ILE A 41 11.20 -2.47 -23.87
C ILE A 41 10.54 -3.03 -25.11
N GLU A 42 9.24 -3.33 -24.99
CA GLU A 42 8.48 -3.87 -26.11
C GLU A 42 8.48 -2.90 -27.30
N THR A 43 8.37 -1.62 -26.99
CA THR A 43 8.37 -0.59 -28.03
C THR A 43 9.17 0.63 -27.60
N MET A 1 -20.54 -7.31 20.56
CA MET A 1 -21.17 -6.21 19.85
C MET A 1 -20.44 -4.90 20.12
N ASP A 2 -19.12 -4.97 20.20
CA ASP A 2 -18.30 -3.80 20.45
C ASP A 2 -16.95 -3.91 19.75
N ASN A 3 -16.99 -4.06 18.43
CA ASN A 3 -15.77 -4.18 17.64
C ASN A 3 -15.12 -2.82 17.43
N ALA A 4 -14.64 -2.22 18.52
CA ALA A 4 -14.00 -0.92 18.45
C ALA A 4 -13.49 -0.48 19.82
N GLY A 5 -12.34 0.16 19.86
CA GLY A 5 -11.77 0.62 21.11
C GLY A 5 -10.44 1.32 20.92
N GLY A 6 -9.88 1.84 22.02
CA GLY A 6 -8.61 2.53 21.94
C GLY A 6 -7.54 1.73 21.24
N VAL A 7 -7.42 0.45 21.63
CA VAL A 7 -6.43 -0.43 21.03
C VAL A 7 -6.82 -0.81 19.60
N GLY A 8 -7.98 -1.44 19.45
CA GLY A 8 -8.45 -1.85 18.14
C GLY A 8 -8.40 -0.71 17.14
N GLU A 9 -8.62 0.52 17.61
CA GLU A 9 -8.61 1.69 16.75
C GLU A 9 -7.18 2.08 16.38
N LEU A 10 -6.36 2.29 17.40
CA LEU A 10 -4.96 2.67 17.20
C LEU A 10 -4.24 1.63 16.33
N GLU A 11 -4.56 0.36 16.54
CA GLU A 11 -3.95 -0.72 15.78
C GLU A 11 -4.48 -0.74 14.35
N LYS A 12 -5.80 -0.80 14.22
CA LYS A 12 -6.44 -0.84 12.90
C LYS A 12 -6.02 0.35 12.06
N LYS A 13 -5.99 1.53 12.67
CA LYS A 13 -5.59 2.76 11.99
C LYS A 13 -4.10 2.72 11.64
N ALA A 14 -3.27 2.47 12.63
CA ALA A 14 -1.82 2.41 12.43
C ALA A 14 -1.47 1.41 11.32
N GLU A 15 -2.06 0.22 11.39
CA GLU A 15 -1.81 -0.81 10.40
C GLU A 15 -2.40 -0.43 9.04
N ALA A 16 -3.55 0.24 9.07
CA ALA A 16 -4.21 0.66 7.84
C ALA A 16 -3.38 1.71 7.10
N GLY A 17 -2.81 2.65 7.87
CA GLY A 17 -2.00 3.70 7.27
C GLY A 17 -0.66 3.19 6.79
N VAL A 18 0.05 2.48 7.66
CA VAL A 18 1.36 1.93 7.32
C VAL A 18 1.26 0.98 6.13
N GLN A 19 0.28 0.09 6.18
CA GLN A 19 0.08 -0.89 5.10
C GLN A 19 -0.39 -0.20 3.82
N GLY A 20 -1.42 0.63 3.97
CA GLY A 20 -1.96 1.34 2.81
C GLY A 20 -0.92 2.21 2.14
N GLU A 21 -0.19 2.99 2.92
CA GLU A 21 0.84 3.87 2.39
C GLU A 21 1.98 3.07 1.76
N LEU A 22 2.47 2.09 2.50
CA LEU A 22 3.56 1.24 2.01
C LEU A 22 3.20 0.60 0.68
N ALA A 23 2.01 -0.01 0.63
CA ALA A 23 1.55 -0.66 -0.59
C ALA A 23 1.44 0.34 -1.74
N GLU A 24 0.79 1.46 -1.48
CA GLU A 24 0.61 2.50 -2.50
C GLU A 24 1.95 2.90 -3.10
N ILE A 25 2.89 3.27 -2.23
CA ILE A 25 4.22 3.67 -2.68
C ILE A 25 4.90 2.56 -3.48
N LYS A 26 4.76 1.33 -2.99
CA LYS A 26 5.36 0.18 -3.66
C LYS A 26 4.76 -0.01 -5.05
N LYS A 27 3.44 0.15 -5.16
CA LYS A 27 2.75 -0.01 -6.44
C LYS A 27 3.22 1.04 -7.44
N ILE A 28 3.20 2.30 -7.03
CA ILE A 28 3.64 3.38 -7.90
C ILE A 28 5.13 3.29 -8.20
N ALA A 29 5.89 2.73 -7.26
CA ALA A 29 7.33 2.58 -7.43
C ALA A 29 7.64 1.57 -8.54
N GLU A 30 7.03 0.39 -8.45
CA GLU A 30 7.24 -0.65 -9.44
C GLU A 30 6.54 -0.31 -10.76
N LYS A 31 5.41 0.38 -10.66
CA LYS A 31 4.65 0.77 -11.84
C LYS A 31 5.44 1.76 -12.69
N LYS A 32 5.84 2.87 -12.08
CA LYS A 32 6.60 3.89 -12.77
C LYS A 32 7.96 3.36 -13.22
N LYS A 33 8.62 2.63 -12.33
CA LYS A 33 9.92 2.05 -12.64
C LYS A 33 9.83 1.06 -13.79
N ASP A 34 8.71 0.34 -13.85
CA ASP A 34 8.49 -0.64 -14.92
C ASP A 34 8.28 0.05 -16.26
N ASP A 35 7.40 1.04 -16.27
CA ASP A 35 7.10 1.78 -17.49
C ASP A 35 8.36 2.46 -18.04
N VAL A 36 9.15 3.04 -17.15
CA VAL A 36 10.38 3.71 -17.53
C VAL A 36 11.40 2.72 -18.10
N VAL A 37 11.73 1.72 -17.30
CA VAL A 37 12.69 0.70 -17.72
C VAL A 37 12.23 -0.01 -18.98
N LYS A 38 10.91 -0.14 -19.12
CA LYS A 38 10.33 -0.80 -20.28
C LYS A 38 10.56 0.01 -21.56
N ILE A 39 10.09 1.25 -21.54
CA ILE A 39 10.24 2.13 -22.69
C ILE A 39 11.71 2.43 -22.97
N LEU A 40 12.51 2.43 -21.91
CA LEU A 40 13.94 2.69 -22.03
C LEU A 40 14.64 1.56 -22.77
N ILE A 41 14.51 0.34 -22.25
CA ILE A 41 15.13 -0.83 -22.86
C ILE A 41 14.53 -1.10 -24.24
N GLU A 42 13.21 -1.21 -24.30
CA GLU A 42 12.52 -1.48 -25.55
C GLU A 42 12.79 -0.37 -26.57
N THR A 43 12.82 0.87 -26.08
CA THR A 43 13.07 2.02 -26.94
C THR A 43 14.17 2.91 -26.37
N MET A 1 -22.19 -6.80 18.13
CA MET A 1 -20.93 -6.41 17.52
C MET A 1 -20.38 -5.14 18.18
N ASP A 2 -19.50 -5.33 19.16
CA ASP A 2 -18.90 -4.21 19.86
C ASP A 2 -17.37 -4.30 19.83
N ASN A 3 -16.81 -4.24 18.63
CA ASN A 3 -15.36 -4.32 18.46
C ASN A 3 -14.78 -2.94 18.17
N ALA A 4 -14.28 -2.28 19.21
CA ALA A 4 -13.69 -0.95 19.05
C ALA A 4 -13.15 -0.44 20.38
N GLY A 5 -12.00 0.24 20.32
CA GLY A 5 -11.39 0.77 21.53
C GLY A 5 -10.10 1.51 21.25
N GLY A 6 -9.52 2.08 22.30
CA GLY A 6 -8.27 2.82 22.13
C GLY A 6 -7.20 2.01 21.42
N VAL A 7 -7.03 0.76 21.85
CA VAL A 7 -6.04 -0.12 21.25
C VAL A 7 -6.47 -0.58 19.86
N GLY A 8 -7.62 -1.24 19.79
CA GLY A 8 -8.13 -1.72 18.52
C GLY A 8 -8.17 -0.63 17.47
N GLU A 9 -8.41 0.60 17.90
CA GLU A 9 -8.47 1.73 16.98
C GLU A 9 -7.07 2.16 16.54
N LEU A 10 -6.21 2.42 17.51
CA LEU A 10 -4.84 2.84 17.22
C LEU A 10 -4.13 1.79 16.38
N GLU A 11 -4.42 0.52 16.64
CA GLU A 11 -3.79 -0.57 15.91
C GLU A 11 -4.38 -0.68 14.50
N LYS A 12 -5.70 -0.77 14.42
CA LYS A 12 -6.38 -0.88 13.14
C LYS A 12 -6.03 0.30 12.24
N LYS A 13 -6.01 1.50 12.81
CA LYS A 13 -5.68 2.71 12.06
C LYS A 13 -4.22 2.71 11.64
N ALA A 14 -3.33 2.52 12.62
CA ALA A 14 -1.90 2.50 12.34
C ALA A 14 -1.55 1.45 11.27
N GLU A 15 -2.12 0.26 11.41
CA GLU A 15 -1.87 -0.81 10.46
C GLU A 15 -2.51 -0.50 9.11
N ALA A 16 -3.67 0.14 9.15
CA ALA A 16 -4.39 0.49 7.94
C ALA A 16 -3.63 1.54 7.13
N GLY A 17 -3.09 2.53 7.83
CA GLY A 17 -2.33 3.58 7.17
C GLY A 17 -1.00 3.11 6.65
N VAL A 18 -0.23 2.43 7.52
CA VAL A 18 1.08 1.92 7.14
C VAL A 18 0.97 0.92 6.00
N GLN A 19 0.02 0.00 6.11
CA GLN A 19 -0.19 -1.00 5.07
C GLN A 19 -0.68 -0.37 3.78
N GLY A 20 -1.72 0.45 3.89
CA GLY A 20 -2.27 1.11 2.71
C GLY A 20 -1.23 1.93 1.97
N GLU A 21 -0.46 2.72 2.71
CA GLU A 21 0.57 3.55 2.11
C GLU A 21 1.65 2.70 1.46
N LEU A 22 2.17 1.74 2.22
CA LEU A 22 3.21 0.84 1.72
C LEU A 22 2.76 0.14 0.45
N ALA A 23 1.52 -0.35 0.44
CA ALA A 23 0.98 -1.05 -0.71
C ALA A 23 0.90 -0.12 -1.92
N GLU A 24 0.30 1.05 -1.74
CA GLU A 24 0.16 2.02 -2.81
C GLU A 24 1.52 2.34 -3.43
N ILE A 25 2.46 2.78 -2.60
CA ILE A 25 3.80 3.11 -3.08
C ILE A 25 4.44 1.93 -3.80
N LYS A 26 4.26 0.74 -3.24
CA LYS A 26 4.82 -0.47 -3.83
C LYS A 26 4.23 -0.73 -5.21
N LYS A 27 2.92 -0.58 -5.32
CA LYS A 27 2.22 -0.79 -6.59
C LYS A 27 2.73 0.17 -7.65
N ILE A 28 2.84 1.45 -7.29
CA ILE A 28 3.31 2.46 -8.22
C ILE A 28 4.75 2.19 -8.63
N ALA A 29 5.60 1.88 -7.67
CA ALA A 29 7.00 1.59 -7.93
C ALA A 29 7.15 0.42 -8.89
N GLU A 30 6.33 -0.61 -8.70
CA GLU A 30 6.36 -1.79 -9.54
C GLU A 30 5.76 -1.51 -10.91
N LYS A 31 4.77 -0.61 -10.95
CA LYS A 31 4.12 -0.25 -12.19
C LYS A 31 5.09 0.47 -13.13
N LYS A 32 5.68 1.55 -12.65
CA LYS A 32 6.63 2.32 -13.44
C LYS A 32 7.87 1.48 -13.76
N LYS A 33 8.37 0.78 -12.76
CA LYS A 33 9.56 -0.06 -12.92
C LYS A 33 9.30 -1.16 -13.95
N ASP A 34 8.07 -1.66 -13.98
CA ASP A 34 7.69 -2.70 -14.92
C ASP A 34 7.62 -2.16 -16.35
N ASP A 35 6.94 -1.04 -16.52
CA ASP A 35 6.80 -0.42 -17.83
C ASP A 35 8.17 -0.05 -18.40
N VAL A 36 9.06 0.42 -17.54
CA VAL A 36 10.40 0.81 -17.96
C VAL A 36 11.23 -0.40 -18.36
N VAL A 37 11.36 -1.35 -17.43
CA VAL A 37 12.12 -2.56 -17.69
C VAL A 37 11.56 -3.33 -18.88
N LYS A 38 10.23 -3.30 -19.02
CA LYS A 38 9.57 -4.00 -20.11
C LYS A 38 9.90 -3.34 -21.46
N ILE A 39 9.59 -2.06 -21.58
CA ILE A 39 9.86 -1.33 -22.81
C ILE A 39 11.36 -1.32 -23.12
N LEU A 40 12.17 -1.28 -22.08
CA LEU A 40 13.62 -1.27 -22.24
C LEU A 40 14.11 -2.59 -22.85
N ILE A 41 13.89 -3.67 -22.12
CA ILE A 41 14.31 -4.99 -22.59
C ILE A 41 13.61 -5.35 -23.90
N GLU A 42 12.28 -5.33 -23.89
CA GLU A 42 11.50 -5.67 -25.07
C GLU A 42 11.91 -4.78 -26.25
N THR A 43 12.11 -3.49 -25.97
CA THR A 43 12.49 -2.53 -27.00
C THR A 43 13.64 -1.66 -26.54
N MET A 1 -20.48 -4.50 15.81
CA MET A 1 -19.29 -3.66 15.96
C MET A 1 -18.86 -3.58 17.42
N ASP A 2 -18.95 -4.71 18.12
CA ASP A 2 -18.58 -4.76 19.53
C ASP A 2 -17.08 -4.52 19.70
N ASN A 3 -16.28 -5.27 18.96
CA ASN A 3 -14.82 -5.14 19.02
C ASN A 3 -14.38 -3.73 18.63
N ALA A 4 -13.97 -2.95 19.62
CA ALA A 4 -13.53 -1.58 19.38
C ALA A 4 -13.03 -0.92 20.66
N GLY A 5 -11.97 -0.13 20.54
CA GLY A 5 -11.42 0.54 21.71
C GLY A 5 -10.21 1.39 21.36
N GLY A 6 -9.68 2.10 22.36
CA GLY A 6 -8.53 2.95 22.14
C GLY A 6 -7.39 2.22 21.46
N VAL A 7 -7.08 1.03 21.97
CA VAL A 7 -5.99 0.23 21.41
C VAL A 7 -6.39 -0.35 20.05
N GLY A 8 -7.46 -1.15 20.05
CA GLY A 8 -7.91 -1.76 18.81
C GLY A 8 -8.08 -0.75 17.70
N GLU A 9 -8.46 0.47 18.05
CA GLU A 9 -8.65 1.53 17.07
C GLU A 9 -7.31 2.07 16.58
N LEU A 10 -6.47 2.51 17.52
CA LEU A 10 -5.17 3.05 17.19
C LEU A 10 -4.35 2.04 16.39
N GLU A 11 -4.47 0.76 16.75
CA GLU A 11 -3.74 -0.30 16.07
C GLU A 11 -4.33 -0.57 14.70
N LYS A 12 -5.64 -0.82 14.65
CA LYS A 12 -6.33 -1.09 13.39
C LYS A 12 -6.11 0.05 12.39
N LYS A 13 -6.23 1.28 12.88
CA LYS A 13 -6.04 2.45 12.04
C LYS A 13 -4.59 2.59 11.60
N ALA A 14 -3.67 2.57 12.57
CA ALA A 14 -2.25 2.68 12.27
C ALA A 14 -1.81 1.63 11.26
N GLU A 15 -2.22 0.39 11.50
CA GLU A 15 -1.87 -0.72 10.61
C GLU A 15 -2.56 -0.57 9.26
N ALA A 16 -3.80 -0.07 9.29
CA ALA A 16 -4.56 0.12 8.07
C ALA A 16 -3.94 1.19 7.18
N GLY A 17 -3.50 2.29 7.80
CA GLY A 17 -2.89 3.37 7.05
C GLY A 17 -1.51 3.00 6.54
N VAL A 18 -0.66 2.49 7.42
CA VAL A 18 0.70 2.10 7.06
C VAL A 18 0.68 1.02 5.97
N GLN A 19 -0.16 0.01 6.17
CA GLN A 19 -0.26 -1.09 5.21
C GLN A 19 -0.85 -0.60 3.89
N GLY A 20 -1.97 0.11 3.96
CA GLY A 20 -2.61 0.62 2.77
C GLY A 20 -1.69 1.49 1.95
N GLU A 21 -0.97 2.39 2.61
CA GLU A 21 -0.04 3.28 1.93
C GLU A 21 1.11 2.51 1.31
N LEU A 22 1.77 1.69 2.12
CA LEU A 22 2.89 0.89 1.65
C LEU A 22 2.51 0.09 0.41
N ALA A 23 1.36 -0.57 0.47
CA ALA A 23 0.88 -1.38 -0.65
C ALA A 23 0.62 -0.51 -1.88
N GLU A 24 -0.11 0.58 -1.68
CA GLU A 24 -0.42 1.50 -2.76
C GLU A 24 0.84 1.94 -3.49
N ILE A 25 1.74 2.58 -2.75
CA ILE A 25 3.00 3.06 -3.32
C ILE A 25 3.77 1.92 -3.99
N LYS A 26 3.78 0.76 -3.35
CA LYS A 26 4.47 -0.40 -3.87
C LYS A 26 3.88 -0.83 -5.22
N LYS A 27 2.56 -0.86 -5.29
CA LYS A 27 1.88 -1.25 -6.52
C LYS A 27 2.20 -0.28 -7.65
N ILE A 28 2.10 1.01 -7.37
CA ILE A 28 2.38 2.05 -8.35
C ILE A 28 3.84 2.00 -8.79
N ALA A 29 4.73 1.81 -7.83
CA ALA A 29 6.16 1.74 -8.11
C ALA A 29 6.48 0.56 -9.02
N GLU A 30 5.85 -0.58 -8.76
CA GLU A 30 6.07 -1.78 -9.55
C GLU A 30 5.41 -1.65 -10.92
N LYS A 31 4.28 -0.94 -10.97
CA LYS A 31 3.55 -0.74 -12.21
C LYS A 31 4.36 0.09 -13.19
N LYS A 32 4.77 1.27 -12.76
CA LYS A 32 5.56 2.17 -13.60
C LYS A 32 6.91 1.56 -13.94
N LYS A 33 7.55 0.96 -12.93
CA LYS A 33 8.85 0.33 -13.11
C LYS A 33 8.76 -0.83 -14.08
N ASP A 34 7.63 -1.54 -14.04
CA ASP A 34 7.43 -2.68 -14.93
C ASP A 34 7.24 -2.22 -16.38
N ASP A 35 6.38 -1.24 -16.58
CA ASP A 35 6.11 -0.70 -17.91
C ASP A 35 7.39 -0.15 -18.53
N VAL A 36 8.16 0.58 -17.73
CA VAL A 36 9.41 1.17 -18.20
C VAL A 36 10.42 0.10 -18.58
N VAL A 37 10.74 -0.77 -17.61
CA VAL A 37 11.70 -1.84 -17.83
C VAL A 37 11.24 -2.75 -18.97
N LYS A 38 9.93 -2.88 -19.12
CA LYS A 38 9.36 -3.73 -20.16
C LYS A 38 9.64 -3.14 -21.54
N ILE A 39 9.16 -1.92 -21.77
CA ILE A 39 9.36 -1.26 -23.06
C ILE A 39 10.85 -1.06 -23.35
N LEU A 40 11.64 -0.90 -22.30
CA LEU A 40 13.08 -0.71 -22.44
C LEU A 40 13.74 -1.98 -22.96
N ILE A 41 13.57 -3.07 -22.22
CA ILE A 41 14.15 -4.35 -22.61
C ILE A 41 13.56 -4.86 -23.93
N GLU A 42 12.23 -4.94 -23.98
CA GLU A 42 11.54 -5.40 -25.17
C GLU A 42 11.86 -4.51 -26.36
N THR A 43 11.94 -3.20 -26.12
CA THR A 43 12.24 -2.24 -27.17
C THR A 43 13.21 -1.17 -26.67
N MET A 1 -17.76 -4.57 12.48
CA MET A 1 -17.72 -4.21 13.90
C MET A 1 -16.28 -4.10 14.38
N ASP A 2 -15.82 -2.88 14.58
CA ASP A 2 -14.46 -2.63 15.04
C ASP A 2 -14.46 -1.81 16.32
N ASN A 3 -15.22 -2.25 17.31
CA ASN A 3 -15.32 -1.55 18.58
C ASN A 3 -14.67 -2.36 19.70
N ALA A 4 -13.34 -2.31 19.77
CA ALA A 4 -12.60 -3.04 20.79
C ALA A 4 -12.21 -2.13 21.94
N GLY A 5 -11.39 -1.12 21.64
CA GLY A 5 -10.95 -0.19 22.67
C GLY A 5 -10.03 0.88 22.11
N GLY A 6 -9.63 1.82 22.96
CA GLY A 6 -8.75 2.88 22.54
C GLY A 6 -7.51 2.37 21.85
N VAL A 7 -6.87 1.37 22.46
CA VAL A 7 -5.66 0.78 21.90
C VAL A 7 -5.98 -0.05 20.66
N GLY A 8 -6.81 -1.08 20.84
CA GLY A 8 -7.18 -1.93 19.72
C GLY A 8 -7.65 -1.15 18.52
N GLU A 9 -8.30 -0.02 18.78
CA GLU A 9 -8.82 0.82 17.71
C GLU A 9 -7.69 1.60 17.03
N LEU A 10 -6.93 2.33 17.84
CA LEU A 10 -5.82 3.13 17.32
C LEU A 10 -4.83 2.25 16.57
N GLU A 11 -4.62 1.03 17.06
CA GLU A 11 -3.70 0.11 16.44
C GLU A 11 -4.29 -0.46 15.15
N LYS A 12 -5.49 -1.02 15.25
CA LYS A 12 -6.17 -1.60 14.10
C LYS A 12 -6.31 -0.58 12.98
N LYS A 13 -6.69 0.64 13.35
CA LYS A 13 -6.86 1.72 12.38
C LYS A 13 -5.52 2.14 11.79
N ALA A 14 -4.57 2.46 12.66
CA ALA A 14 -3.24 2.87 12.24
C ALA A 14 -2.62 1.84 11.30
N GLU A 15 -2.70 0.57 11.69
CA GLU A 15 -2.14 -0.52 10.89
C GLU A 15 -2.94 -0.71 9.60
N ALA A 16 -4.24 -0.51 9.69
CA ALA A 16 -5.12 -0.66 8.54
C ALA A 16 -4.83 0.40 7.49
N GLY A 17 -4.62 1.63 7.95
CA GLY A 17 -4.35 2.73 7.05
C GLY A 17 -2.96 2.65 6.45
N VAL A 18 -1.96 2.46 7.30
CA VAL A 18 -0.58 2.37 6.86
C VAL A 18 -0.38 1.20 5.89
N GLN A 19 -0.93 0.04 6.27
CA GLN A 19 -0.82 -1.16 5.45
C GLN A 19 -1.62 -0.99 4.15
N GLY A 20 -2.88 -0.59 4.28
CA GLY A 20 -3.72 -0.41 3.11
C GLY A 20 -3.14 0.60 2.13
N GLU A 21 -2.65 1.72 2.65
CA GLU A 21 -2.07 2.76 1.81
C GLU A 21 -0.80 2.27 1.14
N LEU A 22 0.14 1.76 1.95
CA LEU A 22 1.40 1.27 1.42
C LEU A 22 1.17 0.23 0.33
N ALA A 23 0.29 -0.73 0.60
CA ALA A 23 -0.02 -1.78 -0.36
C ALA A 23 -0.60 -1.18 -1.64
N GLU A 24 -1.60 -0.32 -1.49
CA GLU A 24 -2.24 0.32 -2.64
C GLU A 24 -1.21 1.01 -3.52
N ILE A 25 -0.43 1.91 -2.92
CA ILE A 25 0.60 2.64 -3.66
C ILE A 25 1.57 1.67 -4.35
N LYS A 26 1.96 0.63 -3.64
CA LYS A 26 2.88 -0.36 -4.18
C LYS A 26 2.27 -1.06 -5.39
N LYS A 27 1.00 -1.40 -5.30
CA LYS A 27 0.30 -2.07 -6.39
C LYS A 27 0.25 -1.17 -7.63
N ILE A 28 -0.12 0.08 -7.43
CA ILE A 28 -0.21 1.03 -8.54
C ILE A 28 1.17 1.29 -9.15
N ALA A 29 2.19 1.34 -8.29
CA ALA A 29 3.56 1.58 -8.75
C ALA A 29 4.04 0.44 -9.63
N GLU A 30 3.81 -0.79 -9.18
CA GLU A 30 4.24 -1.97 -9.93
C GLU A 30 3.35 -2.19 -11.15
N LYS A 31 2.08 -1.81 -11.03
CA LYS A 31 1.12 -1.97 -12.11
C LYS A 31 1.49 -1.07 -13.29
N LYS A 32 1.61 0.22 -13.03
CA LYS A 32 1.96 1.19 -14.06
C LYS A 32 3.37 0.92 -14.59
N LYS A 33 4.31 0.66 -13.68
CA LYS A 33 5.68 0.39 -14.06
C LYS A 33 5.78 -0.87 -14.92
N ASP A 34 4.92 -1.84 -14.64
CA ASP A 34 4.89 -3.09 -15.39
C ASP A 34 4.36 -2.86 -16.81
N ASP A 35 3.22 -2.17 -16.90
CA ASP A 35 2.60 -1.89 -18.19
C ASP A 35 3.54 -1.08 -19.07
N VAL A 36 4.24 -0.12 -18.47
CA VAL A 36 5.17 0.72 -19.21
C VAL A 36 6.37 -0.08 -19.69
N VAL A 37 7.08 -0.70 -18.76
CA VAL A 37 8.26 -1.51 -19.08
C VAL A 37 7.90 -2.61 -20.07
N LYS A 38 6.71 -3.19 -19.90
CA LYS A 38 6.25 -4.27 -20.77
C LYS A 38 6.05 -3.76 -22.20
N ILE A 39 5.20 -2.75 -22.35
CA ILE A 39 4.93 -2.18 -23.67
C ILE A 39 6.20 -1.65 -24.31
N LEU A 40 7.06 -1.04 -23.51
CA LEU A 40 8.31 -0.49 -24.01
C LEU A 40 9.19 -1.59 -24.59
N ILE A 41 9.49 -2.59 -23.79
CA ILE A 41 10.32 -3.71 -24.23
C ILE A 41 9.66 -4.45 -25.39
N GLU A 42 8.39 -4.81 -25.21
CA GLU A 42 7.65 -5.53 -26.23
C GLU A 42 7.64 -4.74 -27.54
N THR A 43 7.62 -3.42 -27.44
CA THR A 43 7.61 -2.56 -28.61
C THR A 43 8.12 -1.16 -28.27
N MET A 1 -22.42 -5.25 18.80
CA MET A 1 -21.06 -5.40 18.29
C MET A 1 -20.08 -4.62 19.15
N ASP A 2 -19.18 -5.34 19.83
CA ASP A 2 -18.19 -4.71 20.69
C ASP A 2 -16.79 -4.84 20.09
N ASN A 3 -16.66 -4.51 18.81
CA ASN A 3 -15.38 -4.59 18.12
C ASN A 3 -14.83 -3.20 17.83
N ALA A 4 -14.37 -2.53 18.88
CA ALA A 4 -13.81 -1.19 18.73
C ALA A 4 -13.32 -0.66 20.08
N GLY A 5 -12.20 0.05 20.06
CA GLY A 5 -11.64 0.61 21.28
C GLY A 5 -10.36 1.38 21.03
N GLY A 6 -9.83 1.99 22.09
CA GLY A 6 -8.60 2.76 21.96
C GLY A 6 -7.49 1.97 21.29
N VAL A 7 -7.29 0.73 21.73
CA VAL A 7 -6.25 -0.12 21.16
C VAL A 7 -6.64 -0.59 19.76
N GLY A 8 -7.76 -1.29 19.67
CA GLY A 8 -8.21 -1.79 18.38
C GLY A 8 -8.25 -0.71 17.32
N GLU A 9 -8.55 0.52 17.74
CA GLU A 9 -8.61 1.64 16.82
C GLU A 9 -7.21 2.10 16.41
N LEU A 10 -6.39 2.41 17.41
CA LEU A 10 -5.02 2.86 17.17
C LEU A 10 -4.25 1.84 16.34
N GLU A 11 -4.50 0.56 16.62
CA GLU A 11 -3.83 -0.52 15.89
C GLU A 11 -4.37 -0.65 14.48
N LYS A 12 -5.68 -0.80 14.37
CA LYS A 12 -6.34 -0.94 13.08
C LYS A 12 -5.99 0.23 12.17
N LYS A 13 -6.04 1.44 12.72
CA LYS A 13 -5.72 2.65 11.96
C LYS A 13 -4.25 2.69 11.58
N ALA A 14 -3.38 2.53 12.58
CA ALA A 14 -1.95 2.55 12.35
C ALA A 14 -1.55 1.52 11.29
N GLU A 15 -2.05 0.31 11.44
CA GLU A 15 -1.75 -0.76 10.50
C GLU A 15 -2.37 -0.48 9.14
N ALA A 16 -3.56 0.11 9.14
CA ALA A 16 -4.27 0.43 7.90
C ALA A 16 -3.52 1.50 7.11
N GLY A 17 -3.03 2.52 7.81
CA GLY A 17 -2.31 3.59 7.15
C GLY A 17 -0.93 3.15 6.67
N VAL A 18 -0.17 2.52 7.56
CA VAL A 18 1.16 2.05 7.21
C VAL A 18 1.12 1.04 6.08
N GLN A 19 0.19 0.09 6.17
CA GLN A 19 0.04 -0.93 5.14
C GLN A 19 -0.42 -0.32 3.83
N GLY A 20 -1.49 0.46 3.89
CA GLY A 20 -2.02 1.10 2.69
C GLY A 20 -1.00 1.97 2.00
N GLU A 21 -0.27 2.77 2.78
CA GLU A 21 0.75 3.65 2.23
C GLU A 21 1.86 2.86 1.58
N LEU A 22 2.42 1.91 2.33
CA LEU A 22 3.52 1.07 1.82
C LEU A 22 3.12 0.41 0.50
N ALA A 23 1.91 -0.14 0.47
CA ALA A 23 1.42 -0.81 -0.74
C ALA A 23 1.31 0.17 -1.90
N GLU A 24 0.73 1.34 -1.63
CA GLU A 24 0.56 2.36 -2.66
C GLU A 24 1.90 2.72 -3.30
N ILE A 25 2.83 3.18 -2.48
CA ILE A 25 4.16 3.55 -2.96
C ILE A 25 4.86 2.36 -3.59
N LYS A 26 4.60 1.17 -3.08
CA LYS A 26 5.21 -0.05 -3.58
C LYS A 26 4.71 -0.35 -5.00
N LYS A 27 3.40 -0.21 -5.20
CA LYS A 27 2.80 -0.47 -6.51
C LYS A 27 3.26 0.57 -7.53
N ILE A 28 3.28 1.84 -7.12
CA ILE A 28 3.70 2.91 -8.00
C ILE A 28 5.20 2.82 -8.32
N ALA A 29 5.99 2.56 -7.30
CA ALA A 29 7.44 2.44 -7.47
C ALA A 29 7.78 1.26 -8.37
N GLU A 30 7.10 0.14 -8.16
CA GLU A 30 7.34 -1.06 -8.95
C GLU A 30 6.77 -0.90 -10.36
N LYS A 31 5.66 -0.17 -10.46
CA LYS A 31 5.01 0.07 -11.74
C LYS A 31 5.91 0.89 -12.67
N LYS A 32 6.32 2.06 -12.20
CA LYS A 32 7.18 2.93 -12.99
C LYS A 32 8.54 2.28 -13.24
N LYS A 33 9.10 1.67 -12.20
CA LYS A 33 10.39 1.01 -12.31
C LYS A 33 10.32 -0.15 -13.29
N ASP A 34 9.19 -0.83 -13.34
CA ASP A 34 9.00 -1.95 -14.25
C ASP A 34 8.92 -1.47 -15.69
N ASP A 35 8.10 -0.46 -15.94
CA ASP A 35 7.94 0.09 -17.28
C ASP A 35 9.26 0.63 -17.81
N VAL A 36 10.02 1.29 -16.94
CA VAL A 36 11.31 1.84 -17.33
C VAL A 36 12.31 0.74 -17.67
N VAL A 37 12.54 -0.15 -16.71
CA VAL A 37 13.47 -1.25 -16.89
C VAL A 37 13.07 -2.11 -18.10
N LYS A 38 11.77 -2.32 -18.26
CA LYS A 38 11.26 -3.12 -19.37
C LYS A 38 11.59 -2.46 -20.71
N ILE A 39 11.02 -1.26 -20.93
CA ILE A 39 11.26 -0.52 -22.16
C ILE A 39 12.74 -0.26 -22.37
N LEU A 40 13.49 -0.23 -21.28
CA LEU A 40 14.92 0.03 -21.34
C LEU A 40 15.66 -1.16 -21.96
N ILE A 41 15.44 -2.35 -21.41
CA ILE A 41 16.08 -3.56 -21.91
C ILE A 41 15.61 -3.87 -23.33
N GLU A 42 14.30 -3.91 -23.52
CA GLU A 42 13.73 -4.19 -24.84
C GLU A 42 14.11 -3.11 -25.83
N THR A 43 14.12 -1.86 -25.37
CA THR A 43 14.46 -0.73 -26.23
C THR A 43 15.44 0.21 -25.54
N MET A 1 -21.52 -5.74 21.02
CA MET A 1 -20.96 -4.60 20.30
C MET A 1 -19.56 -4.27 20.80
N ASP A 2 -18.61 -5.16 20.52
CA ASP A 2 -17.23 -4.96 20.95
C ASP A 2 -16.28 -5.04 19.76
N ASN A 3 -16.64 -4.36 18.68
CA ASN A 3 -15.82 -4.34 17.47
C ASN A 3 -15.19 -2.98 17.26
N ALA A 4 -14.76 -2.36 18.34
CA ALA A 4 -14.13 -1.04 18.27
C ALA A 4 -13.67 -0.57 19.65
N GLY A 5 -12.51 0.09 19.69
CA GLY A 5 -11.98 0.58 20.95
C GLY A 5 -10.66 1.30 20.78
N GLY A 6 -10.14 1.85 21.87
CA GLY A 6 -8.88 2.57 21.81
C GLY A 6 -7.78 1.75 21.15
N VAL A 7 -7.65 0.50 21.55
CA VAL A 7 -6.62 -0.38 21.00
C VAL A 7 -6.97 -0.78 19.56
N GLY A 8 -8.12 -1.44 19.40
CA GLY A 8 -8.55 -1.86 18.08
C GLY A 8 -8.50 -0.74 17.07
N GLU A 9 -8.76 0.47 17.51
CA GLU A 9 -8.75 1.64 16.64
C GLU A 9 -7.32 2.05 16.30
N LEU A 10 -6.52 2.28 17.33
CA LEU A 10 -5.12 2.69 17.15
C LEU A 10 -4.37 1.66 16.31
N GLU A 11 -4.68 0.38 16.53
CA GLU A 11 -4.03 -0.70 15.80
C GLU A 11 -4.53 -0.75 14.36
N LYS A 12 -5.84 -0.84 14.21
CA LYS A 12 -6.46 -0.91 12.88
C LYS A 12 -6.03 0.28 12.03
N LYS A 13 -6.05 1.48 12.62
CA LYS A 13 -5.66 2.69 11.93
C LYS A 13 -4.16 2.68 11.60
N ALA A 14 -3.35 2.46 12.61
CA ALA A 14 -1.90 2.41 12.43
C ALA A 14 -1.50 1.42 11.36
N GLU A 15 -2.05 0.21 11.44
CA GLU A 15 -1.76 -0.84 10.47
C GLU A 15 -2.32 -0.48 9.10
N ALA A 16 -3.49 0.16 9.09
CA ALA A 16 -4.12 0.56 7.84
C ALA A 16 -3.31 1.62 7.12
N GLY A 17 -2.84 2.61 7.87
CA GLY A 17 -2.03 3.67 7.28
C GLY A 17 -0.68 3.19 6.82
N VAL A 18 0.03 2.48 7.69
CA VAL A 18 1.35 1.95 7.37
C VAL A 18 1.29 1.00 6.17
N GLN A 19 0.32 0.10 6.19
CA GLN A 19 0.16 -0.87 5.11
C GLN A 19 -0.20 -0.16 3.80
N GLY A 20 -1.17 0.74 3.87
CA GLY A 20 -1.60 1.47 2.69
C GLY A 20 -0.48 2.29 2.08
N GLU A 21 0.26 3.01 2.91
CA GLU A 21 1.36 3.83 2.44
C GLU A 21 2.49 2.97 1.91
N LEU A 22 2.72 1.82 2.54
CA LEU A 22 3.77 0.91 2.13
C LEU A 22 3.43 0.26 0.78
N ALA A 23 2.22 -0.27 0.69
CA ALA A 23 1.77 -0.91 -0.54
C ALA A 23 1.70 0.09 -1.69
N GLU A 24 1.28 1.31 -1.37
CA GLU A 24 1.16 2.35 -2.39
C GLU A 24 2.53 2.75 -2.92
N ILE A 25 3.40 3.19 -2.02
CA ILE A 25 4.75 3.60 -2.40
C ILE A 25 5.49 2.47 -3.11
N LYS A 26 5.27 1.24 -2.65
CA LYS A 26 5.91 0.08 -3.25
C LYS A 26 5.42 -0.15 -4.67
N LYS A 27 4.11 -0.08 -4.86
CA LYS A 27 3.52 -0.27 -6.18
C LYS A 27 4.04 0.77 -7.17
N ILE A 28 4.00 2.03 -6.76
CA ILE A 28 4.47 3.12 -7.62
C ILE A 28 5.98 3.05 -7.80
N ALA A 29 6.67 2.54 -6.79
CA ALA A 29 8.13 2.41 -6.84
C ALA A 29 8.55 1.39 -7.90
N GLU A 30 7.92 0.22 -7.87
CA GLU A 30 8.25 -0.83 -8.83
C GLU A 30 7.68 -0.50 -10.21
N LYS A 31 6.55 0.18 -10.23
CA LYS A 31 5.92 0.56 -11.49
C LYS A 31 6.78 1.56 -12.26
N LYS A 32 7.12 2.66 -11.62
CA LYS A 32 7.95 3.70 -12.24
C LYS A 32 9.35 3.15 -12.54
N LYS A 33 9.92 2.43 -11.59
CA LYS A 33 11.24 1.85 -11.76
C LYS A 33 11.26 0.85 -12.91
N ASP A 34 10.15 0.13 -13.08
CA ASP A 34 10.04 -0.86 -14.14
C ASP A 34 9.97 -0.18 -15.51
N ASP A 35 9.10 0.80 -15.63
CA ASP A 35 8.93 1.54 -16.88
C ASP A 35 10.24 2.20 -17.30
N VAL A 36 10.92 2.81 -16.33
CA VAL A 36 12.19 3.49 -16.60
C VAL A 36 13.25 2.50 -17.04
N VAL A 37 13.52 1.51 -16.20
CA VAL A 37 14.52 0.49 -16.51
C VAL A 37 14.18 -0.25 -17.80
N LYS A 38 12.88 -0.37 -18.09
CA LYS A 38 12.42 -1.04 -19.30
C LYS A 38 12.81 -0.25 -20.54
N ILE A 39 12.32 0.99 -20.61
CA ILE A 39 12.61 1.85 -21.75
C ILE A 39 14.10 2.10 -21.89
N LEU A 40 14.80 2.16 -20.76
CA LEU A 40 16.23 2.39 -20.75
C LEU A 40 16.98 1.21 -21.38
N ILE A 41 16.84 0.05 -20.79
CA ILE A 41 17.49 -1.16 -21.30
C ILE A 41 17.00 -1.50 -22.70
N GLU A 42 15.68 -1.66 -22.83
CA GLU A 42 15.08 -1.99 -24.12
C GLU A 42 15.45 -0.96 -25.17
N THR A 43 15.46 0.31 -24.78
CA THR A 43 15.79 1.40 -25.69
C THR A 43 16.84 2.32 -25.09
N MET A 1 -19.68 -5.19 16.07
CA MET A 1 -19.58 -3.79 16.43
C MET A 1 -18.98 -3.64 17.83
N ASP A 2 -19.16 -4.67 18.66
CA ASP A 2 -18.65 -4.64 20.01
C ASP A 2 -17.12 -4.54 20.01
N ASN A 3 -16.51 -5.01 18.95
CA ASN A 3 -15.05 -4.97 18.82
C ASN A 3 -14.57 -3.58 18.44
N ALA A 4 -14.14 -2.81 19.44
CA ALA A 4 -13.66 -1.45 19.21
C ALA A 4 -13.18 -0.81 20.51
N GLY A 5 -12.10 -0.04 20.41
CA GLY A 5 -11.55 0.61 21.59
C GLY A 5 -10.32 1.43 21.28
N GLY A 6 -9.81 2.13 22.29
CA GLY A 6 -8.62 2.95 22.09
C GLY A 6 -7.48 2.19 21.45
N VAL A 7 -7.21 1.00 21.96
CA VAL A 7 -6.13 0.16 21.42
C VAL A 7 -6.51 -0.41 20.06
N GLY A 8 -7.59 -1.18 20.03
CA GLY A 8 -8.03 -1.78 18.78
C GLY A 8 -8.15 -0.76 17.66
N GLU A 9 -8.50 0.47 18.01
CA GLU A 9 -8.65 1.54 17.02
C GLU A 9 -7.29 2.04 16.57
N LEU A 10 -6.46 2.45 17.52
CA LEU A 10 -5.12 2.96 17.23
C LEU A 10 -4.32 1.93 16.44
N GLU A 11 -4.46 0.66 16.81
CA GLU A 11 -3.74 -0.41 16.15
C GLU A 11 -4.30 -0.66 14.75
N LYS A 12 -5.61 -0.89 14.67
CA LYS A 12 -6.27 -1.13 13.39
C LYS A 12 -6.00 0.00 12.42
N LYS A 13 -6.16 1.23 12.88
CA LYS A 13 -5.93 2.40 12.04
C LYS A 13 -4.46 2.51 11.65
N ALA A 14 -3.58 2.33 12.63
CA ALA A 14 -2.15 2.41 12.40
C ALA A 14 -1.73 1.50 11.24
N GLU A 15 -1.99 0.21 11.39
CA GLU A 15 -1.65 -0.76 10.35
C GLU A 15 -2.44 -0.49 9.07
N ALA A 16 -3.68 -0.03 9.23
CA ALA A 16 -4.53 0.26 8.08
C ALA A 16 -3.87 1.28 7.16
N GLY A 17 -3.44 2.41 7.73
CA GLY A 17 -2.80 3.44 6.94
C GLY A 17 -1.42 3.04 6.47
N VAL A 18 -0.60 2.54 7.39
CA VAL A 18 0.76 2.12 7.06
C VAL A 18 0.76 1.09 5.93
N GLN A 19 -0.09 0.07 6.08
CA GLN A 19 -0.20 -0.98 5.07
C GLN A 19 -0.78 -0.43 3.77
N GLY A 20 -1.92 0.24 3.88
CA GLY A 20 -2.56 0.80 2.70
C GLY A 20 -1.64 1.71 1.91
N GLU A 21 -0.89 2.56 2.62
CA GLU A 21 0.04 3.48 1.97
C GLU A 21 1.20 2.72 1.33
N LEU A 22 1.84 1.86 2.11
CA LEU A 22 2.97 1.08 1.62
C LEU A 22 2.61 0.34 0.34
N ALA A 23 1.47 -0.35 0.37
CA ALA A 23 1.00 -1.10 -0.79
C ALA A 23 0.70 -0.17 -1.96
N GLU A 24 -0.06 0.88 -1.70
CA GLU A 24 -0.41 1.84 -2.73
C GLU A 24 0.83 2.39 -3.42
N ILE A 25 1.71 3.00 -2.64
CA ILE A 25 2.95 3.56 -3.18
C ILE A 25 3.77 2.50 -3.92
N LYS A 26 3.82 1.30 -3.35
CA LYS A 26 4.56 0.21 -3.95
C LYS A 26 3.98 -0.15 -5.32
N LYS A 27 2.66 -0.24 -5.38
CA LYS A 27 1.98 -0.58 -6.63
C LYS A 27 2.27 0.47 -7.70
N ILE A 28 2.11 1.73 -7.35
CA ILE A 28 2.36 2.83 -8.27
C ILE A 28 3.82 2.87 -8.71
N ALA A 29 4.72 2.60 -7.76
CA ALA A 29 6.15 2.60 -8.05
C ALA A 29 6.51 1.51 -9.05
N GLU A 30 5.94 0.33 -8.86
CA GLU A 30 6.20 -0.80 -9.75
C GLU A 30 5.50 -0.60 -11.09
N LYS A 31 4.35 0.05 -11.06
CA LYS A 31 3.59 0.31 -12.28
C LYS A 31 4.34 1.26 -13.22
N LYS A 32 4.70 2.42 -12.70
CA LYS A 32 5.43 3.42 -13.48
C LYS A 32 6.80 2.89 -13.87
N LYS A 33 7.48 2.27 -12.92
CA LYS A 33 8.81 1.71 -13.17
C LYS A 33 8.75 0.62 -14.23
N ASP A 34 7.66 -0.15 -14.23
CA ASP A 34 7.49 -1.22 -15.19
C ASP A 34 7.27 -0.67 -16.60
N ASP A 35 6.37 0.30 -16.70
CA ASP A 35 6.06 0.92 -17.99
C ASP A 35 7.29 1.59 -18.59
N VAL A 36 8.05 2.28 -17.74
CA VAL A 36 9.26 2.97 -18.18
C VAL A 36 10.31 1.98 -18.66
N VAL A 37 10.67 1.03 -17.79
CA VAL A 37 11.67 0.03 -18.12
C VAL A 37 11.24 -0.80 -19.32
N LYS A 38 9.94 -1.10 -19.39
CA LYS A 38 9.39 -1.87 -20.50
C LYS A 38 9.60 -1.15 -21.83
N ILE A 39 9.00 0.04 -21.95
CA ILE A 39 9.12 0.83 -23.16
C ILE A 39 10.58 1.16 -23.46
N LEU A 40 11.33 1.49 -22.42
CA LEU A 40 12.74 1.83 -22.57
C LEU A 40 13.50 0.69 -23.25
N ILE A 41 13.33 -0.51 -22.75
CA ILE A 41 14.00 -1.68 -23.32
C ILE A 41 13.42 -2.04 -24.67
N GLU A 42 12.10 -2.15 -24.74
CA GLU A 42 11.42 -2.49 -25.98
C GLU A 42 11.86 -1.57 -27.12
N THR A 43 12.16 -0.33 -26.77
CA THR A 43 12.59 0.66 -27.75
C THR A 43 14.09 0.50 -28.06
N MET A 1 -18.96 -3.93 12.64
CA MET A 1 -18.66 -3.71 14.06
C MET A 1 -17.26 -4.22 14.40
N ASP A 2 -16.37 -3.31 14.78
CA ASP A 2 -15.00 -3.67 15.14
C ASP A 2 -14.48 -2.77 16.25
N ASN A 3 -15.33 -2.49 17.23
CA ASN A 3 -14.95 -1.63 18.35
C ASN A 3 -14.40 -2.47 19.50
N ALA A 4 -13.09 -2.32 19.76
CA ALA A 4 -12.45 -3.05 20.85
C ALA A 4 -12.06 -2.12 21.98
N GLY A 5 -11.26 -1.10 21.67
CA GLY A 5 -10.84 -0.16 22.68
C GLY A 5 -9.94 0.93 22.12
N GLY A 6 -9.56 1.88 22.97
CA GLY A 6 -8.70 2.96 22.54
C GLY A 6 -7.45 2.47 21.84
N VAL A 7 -6.79 1.48 22.45
CA VAL A 7 -5.57 0.91 21.87
C VAL A 7 -5.88 0.06 20.65
N GLY A 8 -6.69 -0.97 20.85
CA GLY A 8 -7.05 -1.85 19.75
C GLY A 8 -7.56 -1.09 18.54
N GLU A 9 -8.22 0.04 18.78
CA GLU A 9 -8.75 0.86 17.70
C GLU A 9 -7.65 1.66 17.02
N LEU A 10 -6.90 2.42 17.82
CA LEU A 10 -5.80 3.23 17.30
C LEU A 10 -4.80 2.37 16.55
N GLU A 11 -4.55 1.16 17.07
CA GLU A 11 -3.61 0.24 16.45
C GLU A 11 -4.20 -0.37 15.17
N LYS A 12 -5.38 -0.95 15.29
CA LYS A 12 -6.05 -1.56 14.16
C LYS A 12 -6.22 -0.55 13.01
N LYS A 13 -6.63 0.66 13.36
CA LYS A 13 -6.83 1.71 12.37
C LYS A 13 -5.50 2.15 11.78
N ALA A 14 -4.55 2.50 12.64
CA ALA A 14 -3.23 2.94 12.19
C ALA A 14 -2.59 1.90 11.27
N GLU A 15 -2.63 0.65 11.70
CA GLU A 15 -2.05 -0.44 10.91
C GLU A 15 -2.85 -0.67 9.64
N ALA A 16 -4.16 -0.51 9.73
CA ALA A 16 -5.03 -0.70 8.57
C ALA A 16 -4.77 0.35 7.51
N GLY A 17 -4.59 1.60 7.93
CA GLY A 17 -4.34 2.69 7.00
C GLY A 17 -2.94 2.61 6.40
N VAL A 18 -1.94 2.46 7.26
CA VAL A 18 -0.56 2.38 6.81
C VAL A 18 -0.35 1.20 5.87
N GLN A 19 -0.88 0.04 6.26
CA GLN A 19 -0.75 -1.16 5.44
C GLN A 19 -1.54 -1.02 4.14
N GLY A 20 -2.81 -0.64 4.25
CA GLY A 20 -3.64 -0.47 3.08
C GLY A 20 -3.07 0.53 2.10
N GLU A 21 -2.56 1.63 2.61
CA GLU A 21 -1.98 2.67 1.77
C GLU A 21 -0.72 2.18 1.09
N LEU A 22 0.21 1.65 1.88
CA LEU A 22 1.47 1.14 1.35
C LEU A 22 1.22 0.11 0.24
N ALA A 23 0.28 -0.78 0.48
CA ALA A 23 -0.06 -1.81 -0.50
C ALA A 23 -0.64 -1.19 -1.77
N GLU A 24 -1.63 -0.32 -1.60
CA GLU A 24 -2.27 0.34 -2.74
C GLU A 24 -1.24 1.04 -3.60
N ILE A 25 -0.45 1.91 -2.99
CA ILE A 25 0.58 2.66 -3.72
C ILE A 25 1.57 1.71 -4.37
N LYS A 26 1.95 0.66 -3.65
CA LYS A 26 2.89 -0.33 -4.15
C LYS A 26 2.34 -1.04 -5.38
N LYS A 27 1.05 -1.38 -5.33
CA LYS A 27 0.39 -2.05 -6.44
C LYS A 27 0.34 -1.15 -7.68
N ILE A 28 -0.06 0.10 -7.47
CA ILE A 28 -0.15 1.05 -8.57
C ILE A 28 1.22 1.36 -9.14
N ALA A 29 2.20 1.58 -8.26
CA ALA A 29 3.56 1.87 -8.68
C ALA A 29 4.15 0.73 -9.49
N GLU A 30 3.94 -0.50 -9.02
CA GLU A 30 4.45 -1.67 -9.71
C GLU A 30 3.65 -1.96 -10.99
N LYS A 31 2.37 -1.63 -10.95
CA LYS A 31 1.50 -1.84 -12.11
C LYS A 31 1.92 -0.96 -13.28
N LYS A 32 1.96 0.35 -13.04
CA LYS A 32 2.34 1.30 -14.08
C LYS A 32 3.80 1.07 -14.51
N LYS A 33 4.68 0.88 -13.53
CA LYS A 33 6.09 0.65 -13.81
C LYS A 33 6.28 -0.62 -14.63
N ASP A 34 5.44 -1.62 -14.37
CA ASP A 34 5.53 -2.89 -15.09
C ASP A 34 5.08 -2.71 -16.54
N ASP A 35 3.94 -2.08 -16.74
CA ASP A 35 3.40 -1.85 -18.08
C ASP A 35 4.38 -1.02 -18.91
N VAL A 36 5.00 -0.03 -18.28
CA VAL A 36 5.96 0.83 -18.97
C VAL A 36 7.20 0.05 -19.37
N VAL A 37 7.86 -0.55 -18.39
CA VAL A 37 9.08 -1.34 -18.64
C VAL A 37 8.82 -2.41 -19.71
N LYS A 38 7.68 -3.08 -19.59
CA LYS A 38 7.33 -4.14 -20.54
C LYS A 38 7.19 -3.57 -21.95
N ILE A 39 6.30 -2.60 -22.12
CA ILE A 39 6.09 -1.97 -23.42
C ILE A 39 7.36 -1.34 -23.95
N LEU A 40 8.25 -0.96 -23.03
CA LEU A 40 9.53 -0.35 -23.42
C LEU A 40 10.44 -1.37 -24.08
N ILE A 41 10.73 -2.45 -23.37
CA ILE A 41 11.60 -3.51 -23.89
C ILE A 41 11.00 -4.11 -25.16
N GLU A 42 9.75 -4.56 -25.07
CA GLU A 42 9.08 -5.17 -26.21
C GLU A 42 8.95 -4.17 -27.36
N THR A 43 8.66 -2.92 -27.01
CA THR A 43 8.51 -1.87 -28.02
C THR A 43 9.26 -0.60 -27.61
#